data_6JL3
#
_entry.id   6JL3
#
_cell.length_a   70.927
_cell.length_b   70.927
_cell.length_c   28.122
_cell.angle_alpha   90.000
_cell.angle_beta   90.000
_cell.angle_gamma   90.000
#
_symmetry.space_group_name_H-M   'P 41 21 2'
#
loop_
_entity.id
_entity.type
_entity.pdbx_description
1 polymer 'Ubiquitin domain-containing protein DSK2,putative'
2 water water
#
_entity_poly.entity_id   1
_entity_poly.type   'polypeptide(L)'
_entity_poly.pdbx_seq_one_letter_code
;MAMVINVSFKVTGGKEFTVAIEPDITVLDLKKICAEHVDIPVEAQRIIFKGKILKDKESLTLYGVADGNTMHLVRSAMA
;
_entity_poly.pdbx_strand_id   A
#
# COMPACT_ATOMS: atom_id res chain seq x y z
N MET A 3 10.21 13.56 -5.35
CA MET A 3 10.18 13.49 -3.89
C MET A 3 9.34 12.30 -3.42
N VAL A 4 9.80 11.65 -2.36
CA VAL A 4 9.14 10.46 -1.86
C VAL A 4 8.68 10.69 -0.43
N ILE A 5 7.68 9.90 -0.04
CA ILE A 5 7.17 9.82 1.32
C ILE A 5 7.31 8.38 1.78
N ASN A 6 7.37 8.18 3.09
CA ASN A 6 7.42 6.84 3.65
C ASN A 6 6.01 6.36 3.98
N VAL A 7 5.72 5.12 3.63
CA VAL A 7 4.50 4.44 4.01
C VAL A 7 4.89 3.09 4.61
N SER A 8 4.36 2.79 5.78
CA SER A 8 4.61 1.53 6.46
C SER A 8 3.43 0.60 6.26
N PHE A 9 3.72 -0.70 6.23
CA PHE A 9 2.71 -1.73 6.08
C PHE A 9 2.78 -2.71 7.23
N LYS A 10 1.61 -3.02 7.78
CA LYS A 10 1.42 -4.15 8.69
C LYS A 10 0.72 -5.23 7.89
N VAL A 11 1.36 -6.38 7.77
CA VAL A 11 0.92 -7.48 6.93
C VAL A 11 0.54 -8.66 7.81
N THR A 12 -0.53 -9.37 7.41
CA THR A 12 -0.95 -10.55 8.13
C THR A 12 0.25 -11.47 8.39
N GLY A 13 0.27 -12.08 9.57
CA GLY A 13 1.36 -12.92 9.96
C GLY A 13 2.48 -12.20 10.68
N GLY A 14 2.22 -11.02 11.23
CA GLY A 14 3.22 -10.33 12.04
C GLY A 14 4.40 -9.82 11.24
N LYS A 15 4.16 -9.35 10.03
CA LYS A 15 5.20 -8.83 9.16
C LYS A 15 5.04 -7.33 8.98
N GLU A 16 6.16 -6.63 8.87
CA GLU A 16 6.15 -5.18 8.72
C GLU A 16 7.28 -4.75 7.80
N PHE A 17 6.99 -3.78 6.94
CA PHE A 17 8.02 -3.14 6.14
C PHE A 17 7.59 -1.71 5.84
N THR A 18 8.57 -0.87 5.50
CA THR A 18 8.33 0.52 5.11
C THR A 18 8.97 0.75 3.76
N VAL A 19 8.28 1.50 2.89
CA VAL A 19 8.79 1.87 1.59
C VAL A 19 8.71 3.38 1.40
N ALA A 20 9.57 3.89 0.54
CA ALA A 20 9.56 5.29 0.13
C ALA A 20 9.00 5.36 -1.28
N ILE A 21 7.87 6.05 -1.44
CA ILE A 21 7.11 6.04 -2.66
C ILE A 21 6.78 7.47 -3.08
N GLU A 22 6.55 7.66 -4.37
CA GLU A 22 5.99 8.91 -4.83
C GLU A 22 4.51 8.96 -4.44
N PRO A 23 4.03 10.06 -3.88
CA PRO A 23 2.64 10.05 -3.33
C PRO A 23 1.56 9.93 -4.38
N ASP A 24 1.86 10.09 -5.67
CA ASP A 24 0.83 10.05 -6.70
C ASP A 24 0.84 8.76 -7.51
N ILE A 25 1.58 7.73 -7.10
CA ILE A 25 1.46 6.45 -7.77
C ILE A 25 0.05 5.90 -7.54
N THR A 26 -0.33 4.92 -8.35
CA THR A 26 -1.64 4.32 -8.17
C THR A 26 -1.60 3.22 -7.11
N VAL A 27 -2.78 2.81 -6.66
CA VAL A 27 -2.90 1.66 -5.76
C VAL A 27 -2.28 0.42 -6.38
N LEU A 28 -2.52 0.19 -7.67
CA LEU A 28 -1.91 -0.96 -8.34
C LEU A 28 -0.38 -0.86 -8.32
N ASP A 29 0.16 0.33 -8.59
CA ASP A 29 1.61 0.53 -8.47
C ASP A 29 2.09 0.13 -7.07
N LEU A 30 1.34 0.53 -6.05
CA LEU A 30 1.70 0.23 -4.67
C LEU A 30 1.62 -1.27 -4.39
N LYS A 31 0.62 -1.96 -4.94
CA LYS A 31 0.57 -3.41 -4.80
C LYS A 31 1.78 -4.07 -5.45
N LYS A 32 2.22 -3.58 -6.60
CA LYS A 32 3.41 -4.12 -7.25
C LYS A 32 4.63 -3.95 -6.35
N ILE A 33 4.74 -2.81 -5.68
CA ILE A 33 5.81 -2.61 -4.70
C ILE A 33 5.67 -3.63 -3.56
N CYS A 34 4.46 -3.78 -3.03
CA CYS A 34 4.25 -4.71 -1.92
C CYS A 34 4.65 -6.13 -2.31
N ALA A 35 4.35 -6.54 -3.54
CA ALA A 35 4.68 -7.90 -3.98
C ALA A 35 6.18 -8.13 -4.07
N GLU A 36 6.97 -7.06 -4.23
CA GLU A 36 8.42 -7.16 -4.20
C GLU A 36 8.98 -7.14 -2.78
N HIS A 37 8.12 -7.02 -1.76
CA HIS A 37 8.53 -7.01 -0.37
C HIS A 37 7.96 -8.14 0.47
N VAL A 38 6.82 -8.74 0.08
CA VAL A 38 6.20 -9.83 0.83
C VAL A 38 5.62 -10.83 -0.16
N ASP A 39 5.38 -12.04 0.33
CA ASP A 39 4.95 -13.15 -0.52
C ASP A 39 3.43 -13.19 -0.66
N ILE A 40 2.87 -12.10 -1.19
CA ILE A 40 1.47 -12.03 -1.55
C ILE A 40 1.40 -11.47 -2.96
N PRO A 41 0.89 -12.22 -3.94
CA PRO A 41 0.85 -11.70 -5.32
C PRO A 41 -0.18 -10.58 -5.43
N VAL A 42 0.03 -9.74 -6.44
CA VAL A 42 -0.76 -8.52 -6.58
C VAL A 42 -2.26 -8.82 -6.52
N GLU A 43 -2.69 -9.84 -7.25
CA GLU A 43 -4.12 -10.11 -7.38
C GLU A 43 -4.75 -10.58 -6.09
N ALA A 44 -3.97 -11.08 -5.13
CA ALA A 44 -4.50 -11.51 -3.84
C ALA A 44 -4.43 -10.43 -2.77
N GLN A 45 -3.79 -9.30 -3.06
CA GLN A 45 -3.60 -8.27 -2.06
C GLN A 45 -4.83 -7.38 -1.91
N ARG A 46 -5.12 -7.02 -0.67
CA ARG A 46 -6.08 -5.97 -0.37
C ARG A 46 -5.38 -4.98 0.54
N ILE A 47 -5.26 -3.73 0.10
CA ILE A 47 -4.65 -2.66 0.88
C ILE A 47 -5.75 -1.91 1.62
N ILE A 48 -5.65 -1.86 2.94
CA ILE A 48 -6.66 -1.28 3.82
C ILE A 48 -6.09 0.00 4.40
N PHE A 49 -6.82 1.10 4.24
CA PHE A 49 -6.37 2.42 4.67
C PHE A 49 -7.61 3.29 4.84
N LYS A 50 -7.67 4.01 5.96
CA LYS A 50 -8.80 4.91 6.24
C LYS A 50 -10.14 4.18 6.13
N GLY A 51 -10.16 2.93 6.61
CA GLY A 51 -11.38 2.16 6.69
C GLY A 51 -11.87 1.65 5.36
N LYS A 52 -11.03 1.64 4.34
CA LYS A 52 -11.44 1.26 3.00
C LYS A 52 -10.46 0.30 2.37
N ILE A 53 -10.98 -0.48 1.42
CA ILE A 53 -10.17 -1.25 0.50
C ILE A 53 -9.82 -0.32 -0.67
N LEU A 54 -8.54 0.03 -0.80
CA LEU A 54 -8.17 1.01 -1.82
C LEU A 54 -8.32 0.41 -3.21
N LYS A 55 -8.65 1.27 -4.18
CA LYS A 55 -9.02 0.85 -5.53
C LYS A 55 -7.84 0.98 -6.50
N ASP A 56 -7.59 -0.10 -7.25
CA ASP A 56 -6.37 -0.26 -8.04
C ASP A 56 -6.03 0.94 -8.91
N LYS A 57 -7.01 1.47 -9.64
CA LYS A 57 -6.72 2.47 -10.68
C LYS A 57 -6.50 3.86 -10.11
N GLU A 58 -6.69 4.06 -8.81
CA GLU A 58 -6.70 5.40 -8.25
C GLU A 58 -5.32 5.81 -7.73
N SER A 59 -4.99 7.08 -7.93
N SER A 59 -4.99 7.08 -7.92
CA SER A 59 -3.80 7.66 -7.33
CA SER A 59 -3.79 7.64 -7.34
C SER A 59 -3.95 7.74 -5.82
C SER A 59 -3.94 7.75 -5.83
N LEU A 60 -2.85 7.48 -5.10
CA LEU A 60 -2.89 7.52 -3.64
C LEU A 60 -3.24 8.91 -3.14
N THR A 61 -2.94 9.96 -3.91
CA THR A 61 -3.30 11.31 -3.48
C THR A 61 -4.81 11.45 -3.26
N LEU A 62 -5.63 10.70 -3.98
CA LEU A 62 -7.07 10.78 -3.78
C LEU A 62 -7.45 10.44 -2.35
N TYR A 63 -6.67 9.59 -1.69
CA TYR A 63 -6.95 9.14 -0.35
C TYR A 63 -6.19 9.92 0.71
N GLY A 64 -5.45 10.96 0.32
CA GLY A 64 -4.74 11.78 1.28
C GLY A 64 -3.59 11.09 1.97
N VAL A 65 -2.89 10.19 1.29
CA VAL A 65 -1.76 9.49 1.91
C VAL A 65 -0.72 10.51 2.31
N ALA A 66 -0.13 10.30 3.48
CA ALA A 66 0.83 11.25 4.05
C ALA A 66 2.06 10.51 4.54
N ASP A 67 3.18 11.23 4.55
CA ASP A 67 4.46 10.70 5.00
C ASP A 67 4.36 10.17 6.42
N GLY A 68 4.69 8.89 6.59
CA GLY A 68 4.63 8.22 7.87
C GLY A 68 3.39 7.39 8.11
N ASN A 69 2.39 7.48 7.23
CA ASN A 69 1.18 6.71 7.42
C ASN A 69 1.47 5.20 7.40
N THR A 70 0.62 4.46 8.10
CA THR A 70 0.64 3.00 8.09
C THR A 70 -0.63 2.50 7.42
N MET A 71 -0.48 1.51 6.56
CA MET A 71 -1.58 0.78 5.94
C MET A 71 -1.49 -0.67 6.35
N HIS A 72 -2.60 -1.39 6.19
CA HIS A 72 -2.60 -2.83 6.38
C HIS A 72 -2.68 -3.53 5.04
N LEU A 73 -1.99 -4.64 4.94
CA LEU A 73 -2.03 -5.50 3.76
C LEU A 73 -2.53 -6.86 4.19
N VAL A 74 -3.63 -7.30 3.59
CA VAL A 74 -4.24 -8.58 3.88
C VAL A 74 -4.46 -9.33 2.57
N ARG A 75 -4.72 -10.63 2.71
CA ARG A 75 -5.01 -11.47 1.57
C ARG A 75 -6.51 -11.54 1.32
N SER A 76 -6.89 -11.60 0.05
CA SER A 76 -8.27 -11.85 -0.34
C SER A 76 -8.77 -13.07 0.43
#